data_9H0Y
#
_entry.id   9H0Y
#
_cell.length_a   40.650
_cell.length_b   56.510
_cell.length_c   74.120
_cell.angle_alpha   90.00
_cell.angle_beta   96.04
_cell.angle_gamma   90.00
#
_symmetry.space_group_name_H-M   'P 1 21 1'
#
loop_
_entity.id
_entity.type
_entity.pdbx_description
1 polymer 'Zinc metalloproteinase'
2 non-polymer '[(2~{R})-1-[[(2~{R})-1-[(3,4-dichlorophenyl)amino]-3-methyl-1-oxidanylidene-butan-2-yl]amino]-4-methyl-1-oxidanylidene-pentan-2-yl]phosphonic acid'
3 non-polymer (R,R)-2,3-BUTANEDIOL
4 non-polymer GLYCEROL
5 non-polymer 'ZINC ION'
6 non-polymer 'SULFATE ION'
7 water water
#
_entity_poly.entity_id   1
_entity_poly.type   'polypeptide(L)'
_entity_poly.pdbx_seq_one_letter_code
;EKVQAKGMGFGGNRKIGEYQFGKDLPLLEITRDSSVEMCFMENTDVKVVDMGHKYYSNNKPMQFTCKETPDTQSTKTYYT
GYSADGYDRDNGAASPTNDALYAGYVIKHMYHDWYGVEALTKSDGSPMQLVMRVHYGQGYENAYWDGKQMTFGDGDTMMY
PLVSLGVGGHEVSHGFTEQHSGLEYFGQSGGMNESFSDMAAQAAEYYSVGKNSWQIGPEIMKEDSGYDALRYMDKPSRDG
MSIDVADDYYGGLDVHYSSGVYNHLFYILANQPNWNLRMAFDVMVKANMDYWTPYSTFDEGGCGMLSAAKDLGYNLDDIK
KSLSEVTINYQSCYVD
;
_entity_poly.pdbx_strand_id   A
#
loop_
_chem_comp.id
_chem_comp.type
_chem_comp.name
_chem_comp.formula
A1IRL non-polymer '[(2~{R})-1-[[(2~{R})-1-[(3,4-dichlorophenyl)amino]-3-methyl-1-oxidanylidene-butan-2-yl]amino]-4-methyl-1-oxidanylidene-pentan-2-yl]phosphonic acid' 'C17 H25 Cl2 N2 O5 P'
BU3 non-polymer (R,R)-2,3-BUTANEDIOL 'C4 H10 O2'
GOL non-polymer GLYCEROL 'C3 H8 O3'
SO4 non-polymer 'SULFATE ION' 'O4 S -2'
ZN non-polymer 'ZINC ION' 'Zn 2'
#
# COMPACT_ATOMS: atom_id res chain seq x y z
N LYS A 2 -2.68 -25.84 -15.50
CA LYS A 2 -2.13 -25.29 -14.27
C LYS A 2 -3.10 -25.49 -13.11
N VAL A 3 -2.58 -25.81 -11.91
CA VAL A 3 -3.43 -26.12 -10.73
C VAL A 3 -3.06 -25.15 -9.60
N GLN A 4 -3.79 -25.20 -8.48
CA GLN A 4 -3.47 -24.35 -7.30
C GLN A 4 -2.45 -25.11 -6.45
N ALA A 5 -1.39 -24.44 -6.00
CA ALA A 5 -0.35 -25.06 -5.15
C ALA A 5 -0.01 -24.12 -3.99
N LYS A 6 0.89 -24.51 -3.10
CA LYS A 6 1.33 -23.68 -1.98
C LYS A 6 2.85 -23.49 -1.99
N GLY A 7 3.28 -22.30 -1.60
CA GLY A 7 4.70 -21.98 -1.61
C GLY A 7 5.24 -21.73 -0.23
N MET A 8 6.32 -22.43 0.11
CA MET A 8 7.03 -22.26 1.37
C MET A 8 8.32 -21.48 1.12
N GLY A 9 8.63 -20.53 1.99
CA GLY A 9 9.88 -19.80 1.84
C GLY A 9 9.99 -18.66 2.83
N PHE A 10 10.86 -17.71 2.53
CA PHE A 10 11.22 -16.68 3.50
C PHE A 10 10.85 -15.29 3.00
N GLY A 11 10.87 -14.35 3.94
CA GLY A 11 10.63 -12.96 3.66
C GLY A 11 11.34 -12.11 4.71
N GLY A 12 11.22 -10.80 4.58
CA GLY A 12 11.84 -9.89 5.52
C GLY A 12 13.17 -9.35 5.02
N ASN A 13 13.87 -8.65 5.90
CA ASN A 13 15.17 -8.09 5.57
C ASN A 13 16.04 -8.00 6.81
N ARG A 14 17.27 -7.52 6.61
CA ARG A 14 18.24 -7.52 7.70
C ARG A 14 17.79 -6.65 8.87
N LYS A 15 17.05 -5.57 8.60
CA LYS A 15 16.63 -4.67 9.66
C LYS A 15 15.48 -5.26 10.47
N ILE A 16 14.40 -5.68 9.83
CA ILE A 16 13.23 -6.16 10.56
C ILE A 16 13.31 -7.65 10.88
N GLY A 17 14.24 -8.36 10.27
CA GLY A 17 14.40 -9.77 10.51
C GLY A 17 13.77 -10.61 9.40
N GLU A 18 14.16 -11.87 9.39
CA GLU A 18 13.68 -12.85 8.43
C GLU A 18 12.54 -13.64 9.07
N TYR A 19 11.53 -13.97 8.28
CA TYR A 19 10.42 -14.81 8.75
C TYR A 19 10.11 -15.82 7.66
N GLN A 20 9.27 -16.79 8.00
CA GLN A 20 8.99 -17.91 7.11
C GLN A 20 7.50 -18.05 6.80
N PHE A 21 7.18 -18.04 5.51
CA PHE A 21 5.87 -18.45 5.02
C PHE A 21 5.76 -19.95 5.17
N GLY A 22 4.85 -20.41 6.03
CA GLY A 22 4.81 -21.80 6.41
C GLY A 22 5.10 -22.04 7.88
N LYS A 23 5.54 -21.00 8.60
CA LYS A 23 5.82 -21.14 10.05
C LYS A 23 5.35 -19.87 10.77
N ASP A 24 5.89 -18.70 10.40
CA ASP A 24 5.52 -17.44 11.03
C ASP A 24 4.25 -16.88 10.42
N LEU A 25 4.09 -17.04 9.11
CA LEU A 25 2.99 -16.54 8.32
C LEU A 25 2.45 -17.70 7.50
N PRO A 26 1.25 -17.57 6.95
CA PRO A 26 0.71 -18.63 6.10
C PRO A 26 1.57 -18.90 4.88
N LEU A 27 1.37 -20.08 4.31
CA LEU A 27 1.95 -20.43 3.02
C LEU A 27 1.43 -19.50 1.94
N LEU A 28 2.23 -19.35 0.89
CA LEU A 28 1.89 -18.49 -0.24
C LEU A 28 1.03 -19.26 -1.23
N GLU A 29 0.12 -18.54 -1.89
CA GLU A 29 -0.76 -19.13 -2.89
C GLU A 29 -0.10 -19.03 -4.26
N ILE A 30 0.26 -20.16 -4.85
CA ILE A 30 0.96 -20.20 -6.13
C ILE A 30 0.20 -21.13 -7.07
N THR A 31 0.77 -21.33 -8.27
CA THR A 31 0.19 -22.22 -9.27
C THR A 31 1.27 -23.14 -9.80
N ARG A 32 0.88 -24.32 -10.28
CA ARG A 32 1.84 -25.30 -10.77
C ARG A 32 1.34 -25.94 -12.06
N ASP A 33 2.27 -26.18 -12.98
CA ASP A 33 2.04 -27.00 -14.18
C ASP A 33 2.75 -28.32 -13.94
N SER A 34 2.00 -29.32 -13.47
CA SER A 34 2.60 -30.57 -13.02
C SER A 34 3.27 -31.32 -14.17
N SER A 35 2.82 -31.10 -15.40
CA SER A 35 3.40 -31.80 -16.54
C SER A 35 4.86 -31.46 -16.73
N VAL A 36 5.24 -30.22 -16.43
CA VAL A 36 6.60 -29.73 -16.65
C VAL A 36 7.30 -29.43 -15.33
N GLU A 37 6.67 -29.76 -14.21
CA GLU A 37 7.23 -29.50 -12.88
C GLU A 37 7.71 -28.05 -12.75
N MET A 38 6.85 -27.15 -13.21
CA MET A 38 7.09 -25.71 -13.15
CA MET A 38 7.08 -25.71 -13.16
C MET A 38 6.03 -25.05 -12.28
N CYS A 39 6.47 -24.10 -11.45
CA CYS A 39 5.58 -23.36 -10.58
C CYS A 39 5.63 -21.88 -10.97
N PHE A 40 4.57 -21.14 -10.64
CA PHE A 40 4.48 -19.72 -10.99
C PHE A 40 4.10 -18.94 -9.75
N MET A 41 4.74 -17.79 -9.54
CA MET A 41 4.40 -16.92 -8.39
C MET A 41 3.11 -16.18 -8.76
N GLU A 42 2.01 -16.91 -8.91
CA GLU A 42 0.75 -16.28 -9.40
C GLU A 42 -0.48 -17.03 -8.91
N ASN A 43 -1.56 -16.32 -8.65
CA ASN A 43 -2.86 -16.89 -8.36
C ASN A 43 -3.89 -15.99 -9.03
N THR A 44 -5.17 -16.28 -8.82
CA THR A 44 -6.20 -15.51 -9.51
C THR A 44 -6.05 -14.02 -9.20
N ASP A 45 -5.70 -13.68 -7.97
CA ASP A 45 -5.74 -12.31 -7.47
C ASP A 45 -4.46 -11.55 -7.62
N VAL A 46 -3.30 -12.23 -7.64
CA VAL A 46 -2.00 -11.56 -7.64
C VAL A 46 -1.04 -12.29 -8.57
N LYS A 47 -0.30 -11.53 -9.37
CA LYS A 47 0.80 -12.04 -10.17
C LYS A 47 2.07 -11.30 -9.77
N VAL A 48 3.15 -12.03 -9.49
CA VAL A 48 4.44 -11.41 -9.23
C VAL A 48 5.32 -11.57 -10.47
N VAL A 49 5.90 -10.46 -10.93
CA VAL A 49 6.80 -10.42 -12.08
C VAL A 49 8.18 -10.13 -11.54
N ASP A 50 9.17 -10.93 -11.95
CA ASP A 50 10.57 -10.66 -11.65
C ASP A 50 11.12 -9.82 -12.80
N MET A 51 11.37 -8.53 -12.56
CA MET A 51 11.86 -7.67 -13.62
CA MET A 51 11.87 -7.66 -13.60
C MET A 51 13.35 -7.90 -13.92
N GLY A 52 14.05 -8.67 -13.09
CA GLY A 52 15.45 -8.99 -13.36
C GLY A 52 16.36 -7.78 -13.44
N HIS A 53 16.05 -6.73 -12.68
CA HIS A 53 16.77 -5.45 -12.68
C HIS A 53 16.71 -4.74 -14.01
N LYS A 54 15.69 -5.06 -14.83
CA LYS A 54 15.47 -4.36 -16.12
C LYS A 54 14.39 -3.29 -15.90
N TYR A 55 14.29 -2.33 -16.82
CA TYR A 55 13.30 -1.22 -16.72
C TYR A 55 12.08 -1.56 -17.57
N TYR A 56 12.05 -2.75 -18.16
CA TYR A 56 10.88 -3.22 -18.97
C TYR A 56 10.71 -4.72 -18.76
N SER A 57 9.55 -5.27 -19.09
CA SER A 57 9.30 -6.71 -18.95
C SER A 57 8.06 -7.10 -19.75
N ASN A 58 8.02 -8.38 -20.14
CA ASN A 58 6.81 -8.94 -20.75
C ASN A 58 5.72 -9.26 -19.74
N ASN A 59 6.00 -9.07 -18.45
CA ASN A 59 5.03 -9.26 -17.36
C ASN A 59 4.55 -10.71 -17.21
N LYS A 60 5.30 -11.66 -17.73
CA LYS A 60 5.02 -13.05 -17.42
C LYS A 60 5.30 -13.31 -15.94
N PRO A 61 4.54 -14.21 -15.32
CA PRO A 61 4.77 -14.49 -13.89
C PRO A 61 6.14 -15.11 -13.67
N MET A 62 6.74 -14.77 -12.53
CA MET A 62 7.95 -15.45 -12.10
C MET A 62 7.72 -16.95 -12.10
N GLN A 63 8.61 -17.71 -12.73
CA GLN A 63 8.45 -19.16 -12.81
C GLN A 63 9.69 -19.85 -12.27
N PHE A 64 9.46 -20.95 -11.54
CA PHE A 64 10.53 -21.65 -10.85
C PHE A 64 10.22 -23.14 -10.84
N THR A 65 11.27 -23.96 -10.88
CA THR A 65 11.13 -25.42 -10.91
C THR A 65 10.61 -25.90 -9.57
N CYS A 66 9.59 -26.75 -9.59
CA CYS A 66 9.05 -27.38 -8.35
C CYS A 66 8.83 -28.85 -8.71
N LYS A 67 9.69 -29.74 -8.24
CA LYS A 67 9.61 -31.17 -8.64
C LYS A 67 8.75 -31.98 -7.67
N GLU A 68 8.06 -33.00 -8.16
CA GLU A 68 7.22 -33.86 -7.29
C GLU A 68 8.11 -34.45 -6.19
N THR A 69 9.34 -34.86 -6.54
CA THR A 69 10.31 -35.41 -5.58
C THR A 69 11.39 -34.37 -5.37
N PRO A 70 11.39 -33.62 -4.24
CA PRO A 70 12.39 -32.53 -3.99
C PRO A 70 13.78 -33.13 -3.82
N LYS A 76 -0.35 -29.31 -3.09
CA LYS A 76 0.97 -29.68 -2.57
C LYS A 76 1.80 -28.40 -2.36
N THR A 77 2.88 -28.53 -1.59
CA THR A 77 3.69 -27.40 -1.12
C THR A 77 5.13 -27.56 -1.59
N TYR A 78 5.68 -26.45 -2.11
CA TYR A 78 6.99 -26.43 -2.73
C TYR A 78 7.77 -25.23 -2.23
N TYR A 79 9.09 -25.39 -2.13
CA TYR A 79 9.96 -24.25 -1.81
C TYR A 79 10.03 -23.27 -2.96
N THR A 80 9.95 -21.98 -2.63
CA THR A 80 10.01 -20.92 -3.61
C THR A 80 11.45 -20.70 -4.06
N GLY A 81 11.60 -19.88 -5.08
CA GLY A 81 12.91 -19.46 -5.54
C GLY A 81 13.41 -20.30 -6.70
N TYR A 82 14.26 -19.68 -7.51
CA TYR A 82 14.85 -20.37 -8.66
C TYR A 82 15.71 -21.55 -8.26
N SER A 83 16.22 -21.58 -7.03
CA SER A 83 16.96 -22.73 -6.50
C SER A 83 16.16 -23.56 -5.51
N ALA A 84 14.85 -23.32 -5.39
CA ALA A 84 13.97 -24.14 -4.55
C ALA A 84 14.48 -24.24 -3.12
N ASP A 85 14.92 -23.09 -2.58
CA ASP A 85 15.42 -23.01 -1.22
C ASP A 85 14.65 -22.00 -0.37
N GLY A 86 13.57 -21.42 -0.89
CA GLY A 86 12.80 -20.43 -0.16
C GLY A 86 13.29 -19.00 -0.29
N TYR A 87 14.36 -18.75 -1.04
CA TYR A 87 15.02 -17.45 -1.06
C TYR A 87 15.00 -16.85 -2.47
N ASP A 88 15.13 -15.53 -2.51
CA ASP A 88 15.29 -14.76 -3.74
C ASP A 88 16.02 -13.50 -3.31
N ARG A 89 17.24 -13.64 -2.79
CA ARG A 89 17.88 -12.57 -2.04
C ARG A 89 18.29 -11.40 -2.93
N ASP A 90 18.13 -10.19 -2.38
CA ASP A 90 18.66 -9.00 -3.01
C ASP A 90 18.78 -7.89 -1.99
N ASN A 91 19.96 -7.25 -1.93
CA ASN A 91 20.16 -6.05 -1.14
C ASN A 91 19.61 -6.14 0.27
N GLY A 92 19.89 -7.25 0.93
CA GLY A 92 19.55 -7.39 2.33
C GLY A 92 18.17 -7.93 2.60
N ALA A 93 17.39 -8.20 1.57
CA ALA A 93 16.07 -8.83 1.72
C ALA A 93 16.14 -10.31 1.36
N ALA A 94 15.38 -11.13 2.09
CA ALA A 94 15.40 -12.57 1.88
C ALA A 94 14.73 -12.97 0.57
N SER A 95 13.59 -12.39 0.26
CA SER A 95 12.84 -12.73 -0.95
C SER A 95 11.81 -11.64 -1.23
N PRO A 96 12.18 -10.57 -1.92
CA PRO A 96 11.17 -9.55 -2.28
C PRO A 96 10.01 -10.12 -3.08
N THR A 97 10.22 -11.18 -3.85
CA THR A 97 9.12 -11.73 -4.64
C THR A 97 8.11 -12.46 -3.75
N ASN A 98 8.58 -13.19 -2.72
CA ASN A 98 7.65 -13.78 -1.77
C ASN A 98 6.86 -12.68 -1.05
N ASP A 99 7.57 -11.66 -0.54
CA ASP A 99 6.91 -10.58 0.17
C ASP A 99 5.88 -9.87 -0.70
N ALA A 100 6.14 -9.78 -2.01
CA ALA A 100 5.19 -9.14 -2.92
C ALA A 100 3.92 -9.97 -3.09
N LEU A 101 4.08 -11.29 -3.22
CA LEU A 101 2.93 -12.16 -3.36
C LEU A 101 2.06 -12.10 -2.11
N TYR A 102 2.70 -12.12 -0.93
CA TYR A 102 1.95 -12.00 0.33
C TYR A 102 1.30 -10.62 0.45
N ALA A 103 2.05 -9.56 0.16
CA ALA A 103 1.47 -8.22 0.27
C ALA A 103 0.25 -8.05 -0.62
N GLY A 104 0.32 -8.55 -1.86
CA GLY A 104 -0.84 -8.48 -2.72
C GLY A 104 -2.03 -9.21 -2.15
N TYR A 105 -1.79 -10.38 -1.55
CA TYR A 105 -2.86 -11.13 -0.90
C TYR A 105 -3.52 -10.26 0.18
N VAL A 106 -2.70 -9.69 1.06
CA VAL A 106 -3.23 -8.90 2.17
C VAL A 106 -4.04 -7.73 1.65
N ILE A 107 -3.51 -7.00 0.66
CA ILE A 107 -4.20 -5.81 0.21
C ILE A 107 -5.52 -6.19 -0.48
N LYS A 108 -5.48 -7.22 -1.32
CA LYS A 108 -6.69 -7.68 -2.00
C LYS A 108 -7.75 -8.08 -0.99
N HIS A 109 -7.37 -8.85 0.03
CA HIS A 109 -8.35 -9.36 0.98
C HIS A 109 -8.77 -8.28 1.97
N MET A 110 -7.93 -7.29 2.24
CA MET A 110 -8.36 -6.17 3.07
CA MET A 110 -8.36 -6.17 3.08
C MET A 110 -9.52 -5.42 2.40
N TYR A 111 -9.35 -5.05 1.12
CA TYR A 111 -10.42 -4.32 0.43
C TYR A 111 -11.66 -5.20 0.22
N HIS A 112 -11.50 -6.51 0.04
CA HIS A 112 -12.67 -7.36 -0.13
C HIS A 112 -13.39 -7.56 1.20
N ASP A 113 -12.62 -7.86 2.25
CA ASP A 113 -13.20 -8.19 3.55
C ASP A 113 -13.84 -6.97 4.20
N TRP A 114 -13.18 -5.81 4.11
CA TRP A 114 -13.67 -4.62 4.79
C TRP A 114 -14.72 -3.84 4.00
N TYR A 115 -14.69 -3.89 2.66
CA TYR A 115 -15.55 -3.02 1.86
C TYR A 115 -16.30 -3.77 0.77
N GLY A 116 -16.10 -5.07 0.63
CA GLY A 116 -16.75 -5.80 -0.43
C GLY A 116 -16.46 -5.26 -1.81
N VAL A 117 -15.24 -4.76 -2.04
CA VAL A 117 -14.86 -4.18 -3.32
C VAL A 117 -13.54 -4.77 -3.79
N GLU A 118 -13.34 -4.75 -5.11
CA GLU A 118 -12.04 -5.06 -5.68
C GLU A 118 -11.05 -3.96 -5.33
N ALA A 119 -9.82 -4.35 -5.01
CA ALA A 119 -8.78 -3.33 -4.85
C ALA A 119 -8.59 -2.56 -6.14
N LEU A 120 -8.63 -3.27 -7.28
CA LEU A 120 -8.41 -2.71 -8.60
C LEU A 120 -9.41 -3.28 -9.59
N THR A 121 -9.84 -2.46 -10.56
CA THR A 121 -10.73 -2.89 -11.63
C THR A 121 -10.32 -2.28 -12.96
N LYS A 122 -10.76 -2.89 -14.06
CA LYS A 122 -10.42 -2.41 -15.42
C LYS A 122 -11.33 -1.21 -15.76
N SER A 123 -11.18 -0.64 -16.94
CA SER A 123 -11.98 0.54 -17.36
C SER A 123 -13.47 0.16 -17.47
N ASP A 124 -13.77 -1.13 -17.64
CA ASP A 124 -15.17 -1.60 -17.83
C ASP A 124 -15.73 -2.21 -16.55
N GLY A 125 -15.03 -2.10 -15.41
CA GLY A 125 -15.55 -2.58 -14.14
C GLY A 125 -15.18 -4.01 -13.79
N SER A 126 -14.59 -4.76 -14.71
CA SER A 126 -14.18 -6.13 -14.40
C SER A 126 -13.01 -6.13 -13.41
N PRO A 127 -12.96 -7.10 -12.51
CA PRO A 127 -11.85 -7.15 -11.55
C PRO A 127 -10.50 -7.17 -12.25
N MET A 128 -9.52 -6.52 -11.63
CA MET A 128 -8.17 -6.42 -12.17
CA MET A 128 -8.17 -6.42 -12.17
C MET A 128 -7.22 -7.14 -11.23
N GLN A 129 -6.49 -8.11 -11.77
CA GLN A 129 -5.44 -8.78 -11.02
C GLN A 129 -4.38 -7.78 -10.58
N LEU A 130 -3.91 -7.94 -9.34
CA LEU A 130 -2.80 -7.13 -8.83
C LEU A 130 -1.50 -7.65 -9.43
N VAL A 131 -0.83 -6.85 -10.24
CA VAL A 131 0.43 -7.24 -10.86
C VAL A 131 1.54 -6.51 -10.11
N MET A 132 2.35 -7.29 -9.39
CA MET A 132 3.36 -6.76 -8.48
C MET A 132 4.72 -7.07 -9.11
N ARG A 133 5.38 -6.04 -9.63
CA ARG A 133 6.63 -6.17 -10.38
C ARG A 133 7.79 -5.79 -9.46
N VAL A 134 8.68 -6.76 -9.25
CA VAL A 134 9.72 -6.74 -8.24
CA VAL A 134 9.72 -6.65 -8.25
C VAL A 134 11.08 -6.74 -8.93
N HIS A 135 12.10 -6.29 -8.20
CA HIS A 135 13.46 -6.19 -8.73
C HIS A 135 13.53 -5.25 -9.93
N TYR A 136 12.76 -4.18 -9.91
CA TYR A 136 12.80 -3.22 -11.00
C TYR A 136 14.09 -2.41 -10.98
N GLY A 137 14.76 -2.35 -12.12
CA GLY A 137 15.87 -1.43 -12.30
C GLY A 137 17.13 -1.81 -11.54
N GLN A 138 18.09 -0.88 -11.56
CA GLN A 138 19.39 -1.06 -10.93
C GLN A 138 19.50 -0.01 -9.83
N GLY A 139 19.48 -0.46 -8.57
CA GLY A 139 19.58 0.45 -7.44
C GLY A 139 18.45 1.44 -7.35
N TYR A 140 17.24 1.03 -7.70
CA TYR A 140 16.09 1.93 -7.76
C TYR A 140 15.46 2.04 -6.38
N GLU A 141 15.51 3.24 -5.80
CA GLU A 141 15.05 3.48 -4.44
C GLU A 141 13.69 4.16 -4.46
N ASN A 142 12.74 3.46 -5.07
CA ASN A 142 11.37 3.93 -5.13
C ASN A 142 10.45 2.78 -5.55
N ALA A 143 9.16 3.09 -5.62
CA ALA A 143 8.10 2.23 -6.13
C ALA A 143 7.12 3.15 -6.85
N TYR A 144 6.27 2.59 -7.71
CA TYR A 144 5.34 3.45 -8.43
C TYR A 144 4.15 2.66 -8.96
N TRP A 145 3.04 3.38 -9.13
CA TRP A 145 1.83 2.93 -9.81
C TRP A 145 1.78 3.61 -11.17
N ASP A 146 1.37 2.87 -12.21
CA ASP A 146 1.46 3.37 -13.59
C ASP A 146 0.12 3.26 -14.32
N GLY A 147 -0.96 3.02 -13.61
CA GLY A 147 -2.26 2.86 -14.23
C GLY A 147 -2.72 1.43 -14.39
N LYS A 148 -1.82 0.46 -14.28
CA LYS A 148 -2.21 -0.93 -14.42
C LYS A 148 -1.47 -1.90 -13.52
N GLN A 149 -0.40 -1.49 -12.84
CA GLN A 149 0.41 -2.41 -12.06
C GLN A 149 1.28 -1.59 -11.11
N MET A 150 1.90 -2.32 -10.18
CA MET A 150 2.69 -1.78 -9.08
C MET A 150 4.12 -2.27 -9.24
N THR A 151 5.09 -1.35 -9.23
CA THR A 151 6.48 -1.66 -9.54
C THR A 151 7.37 -1.18 -8.40
N PHE A 152 8.29 -2.05 -7.98
CA PHE A 152 9.07 -1.87 -6.76
C PHE A 152 10.54 -2.11 -7.04
N GLY A 153 11.38 -1.13 -6.68
CA GLY A 153 12.80 -1.29 -6.82
C GLY A 153 13.41 -2.16 -5.72
N ASP A 154 14.68 -2.53 -5.92
CA ASP A 154 15.41 -3.28 -4.90
C ASP A 154 16.20 -2.36 -3.96
N GLY A 155 16.02 -1.04 -4.08
CA GLY A 155 16.71 -0.07 -3.22
C GLY A 155 18.19 -0.06 -3.54
N ASP A 156 18.99 0.64 -2.75
CA ASP A 156 20.45 0.72 -2.96
C ASP A 156 21.16 0.92 -1.61
N THR A 157 21.77 2.07 -1.36
CA THR A 157 22.56 2.31 -0.13
C THR A 157 21.66 2.84 0.95
N MET A 158 20.49 3.42 0.62
CA MET A 158 19.65 4.05 1.62
C MET A 158 18.44 3.20 2.01
N MET A 159 17.99 2.31 1.13
CA MET A 159 16.77 1.55 1.33
C MET A 159 16.98 0.10 0.94
N TYR A 160 16.33 -0.79 1.70
CA TYR A 160 16.19 -2.17 1.34
C TYR A 160 15.19 -2.25 0.19
N PRO A 161 15.03 -3.41 -0.43
CA PRO A 161 13.98 -3.55 -1.45
C PRO A 161 12.63 -3.09 -0.91
N LEU A 162 11.92 -2.30 -1.72
CA LEU A 162 10.75 -1.57 -1.27
C LEU A 162 9.48 -2.40 -1.46
N VAL A 163 9.49 -3.58 -0.84
CA VAL A 163 8.37 -4.49 -0.88
C VAL A 163 7.99 -4.75 0.57
N SER A 164 6.88 -4.17 1.00
CA SER A 164 6.34 -4.43 2.31
C SER A 164 4.83 -4.25 2.19
N LEU A 165 4.13 -4.62 3.26
CA LEU A 165 2.69 -4.38 3.28
C LEU A 165 2.37 -2.92 3.06
N GLY A 166 3.11 -2.04 3.75
CA GLY A 166 2.83 -0.62 3.68
C GLY A 166 3.13 -0.05 2.31
N VAL A 167 4.29 -0.38 1.75
CA VAL A 167 4.62 0.16 0.43
C VAL A 167 3.67 -0.41 -0.61
N GLY A 168 3.37 -1.71 -0.53
CA GLY A 168 2.41 -2.29 -1.44
C GLY A 168 1.02 -1.69 -1.31
N GLY A 169 0.58 -1.49 -0.06
CA GLY A 169 -0.73 -0.88 0.15
C GLY A 169 -0.80 0.53 -0.41
N HIS A 170 0.28 1.29 -0.25
CA HIS A 170 0.35 2.63 -0.80
C HIS A 170 0.22 2.62 -2.32
N GLU A 171 0.97 1.73 -2.98
CA GLU A 171 0.97 1.73 -4.44
C GLU A 171 -0.34 1.20 -5.01
N VAL A 172 -0.86 0.09 -4.48
CA VAL A 172 -2.15 -0.41 -4.95
C VAL A 172 -3.22 0.66 -4.79
N SER A 173 -3.17 1.40 -3.69
CA SER A 173 -4.21 2.37 -3.41
C SER A 173 -4.11 3.63 -4.26
N HIS A 174 -2.96 3.90 -4.90
CA HIS A 174 -2.97 4.92 -5.96
C HIS A 174 -3.93 4.50 -7.07
N GLY A 175 -3.96 3.19 -7.37
CA GLY A 175 -4.92 2.69 -8.33
C GLY A 175 -6.34 2.75 -7.84
N PHE A 176 -6.57 2.40 -6.57
CA PHE A 176 -7.91 2.52 -6.02
C PHE A 176 -8.41 3.96 -6.15
N THR A 177 -7.57 4.93 -5.82
CA THR A 177 -7.98 6.34 -5.96
C THR A 177 -8.23 6.71 -7.41
N GLU A 178 -7.34 6.31 -8.30
CA GLU A 178 -7.49 6.68 -9.70
C GLU A 178 -8.82 6.16 -10.24
N GLN A 179 -9.23 4.97 -9.80
CA GLN A 179 -10.44 4.30 -10.34
C GLN A 179 -11.69 4.73 -9.57
N HIS A 180 -11.55 5.56 -8.54
CA HIS A 180 -12.71 6.08 -7.75
C HIS A 180 -12.81 7.61 -7.82
N SER A 181 -12.32 8.33 -6.82
CA SER A 181 -12.37 9.82 -6.79
C SER A 181 -11.60 10.40 -7.97
N GLY A 182 -10.49 9.78 -8.38
CA GLY A 182 -9.65 10.33 -9.41
C GLY A 182 -8.87 11.56 -8.99
N LEU A 183 -8.63 11.73 -7.69
CA LEU A 183 -7.89 12.87 -7.19
C LEU A 183 -6.67 13.13 -8.05
N GLU A 184 -6.59 14.33 -8.62
CA GLU A 184 -5.51 14.67 -9.55
C GLU A 184 -4.21 14.88 -8.77
N TYR A 185 -3.09 14.52 -9.40
CA TYR A 185 -1.83 14.35 -8.67
C TYR A 185 -0.97 15.62 -8.65
N PHE A 186 -1.57 16.67 -8.10
CA PHE A 186 -0.92 17.95 -7.88
C PHE A 186 -1.82 18.76 -6.95
N GLY A 187 -1.25 19.81 -6.38
CA GLY A 187 -2.01 20.70 -5.52
C GLY A 187 -2.61 19.98 -4.32
N GLN A 188 -3.75 20.50 -3.86
CA GLN A 188 -4.39 19.92 -2.68
C GLN A 188 -4.95 18.54 -2.95
N SER A 189 -5.59 18.32 -4.11
CA SER A 189 -6.09 16.99 -4.41
C SER A 189 -4.96 15.97 -4.45
N GLY A 190 -3.77 16.39 -4.89
CA GLY A 190 -2.64 15.48 -4.95
C GLY A 190 -2.10 15.15 -3.57
N GLY A 191 -2.10 16.13 -2.67
CA GLY A 191 -1.80 15.83 -1.28
C GLY A 191 -2.76 14.83 -0.68
N MET A 192 -4.06 14.99 -0.97
CA MET A 192 -5.05 14.01 -0.53
C MET A 192 -4.81 12.65 -1.15
N ASN A 193 -4.42 12.62 -2.42
CA ASN A 193 -4.13 11.37 -3.11
C ASN A 193 -3.00 10.63 -2.41
N GLU A 194 -1.89 11.32 -2.19
CA GLU A 194 -0.77 10.75 -1.45
C GLU A 194 -1.21 10.28 -0.07
N SER A 195 -1.99 11.10 0.64
CA SER A 195 -2.39 10.73 2.00
C SER A 195 -3.22 9.46 2.01
N PHE A 196 -4.20 9.35 1.10
CA PHE A 196 -5.02 8.15 1.09
C PHE A 196 -4.14 6.92 0.95
N SER A 197 -3.11 6.99 0.11
CA SER A 197 -2.20 5.86 -0.06
C SER A 197 -1.40 5.60 1.21
N ASP A 198 -1.02 6.65 1.95
CA ASP A 198 -0.32 6.42 3.22
C ASP A 198 -1.27 5.87 4.28
N MET A 199 -2.55 6.27 4.24
CA MET A 199 -3.53 5.69 5.13
C MET A 199 -3.70 4.20 4.85
N ALA A 200 -3.73 3.82 3.56
CA ALA A 200 -3.90 2.43 3.20
C ALA A 200 -2.70 1.58 3.60
N ALA A 201 -1.51 2.19 3.64
CA ALA A 201 -0.35 1.47 4.17
C ALA A 201 -0.61 1.04 5.60
N GLN A 202 -1.14 1.95 6.42
CA GLN A 202 -1.50 1.63 7.80
C GLN A 202 -2.57 0.56 7.85
N ALA A 203 -3.61 0.69 7.01
CA ALA A 203 -4.70 -0.28 7.03
C ALA A 203 -4.19 -1.67 6.67
N ALA A 204 -3.28 -1.78 5.71
CA ALA A 204 -2.73 -3.10 5.37
C ALA A 204 -2.02 -3.71 6.56
N GLU A 205 -1.20 -2.93 7.26
CA GLU A 205 -0.51 -3.43 8.46
C GLU A 205 -1.52 -3.87 9.52
N TYR A 206 -2.53 -3.05 9.75
CA TYR A 206 -3.56 -3.37 10.73
C TYR A 206 -4.28 -4.67 10.37
N TYR A 207 -4.62 -4.84 9.09
CA TYR A 207 -5.28 -6.07 8.66
C TYR A 207 -4.40 -7.29 8.95
N SER A 208 -3.10 -7.19 8.67
CA SER A 208 -2.21 -8.35 8.78
C SER A 208 -1.94 -8.70 10.23
N VAL A 209 -1.59 -7.72 11.05
CA VAL A 209 -1.11 -8.04 12.41
C VAL A 209 -1.82 -7.28 13.52
N GLY A 210 -2.87 -6.53 13.17
CA GLY A 210 -3.60 -5.84 14.21
C GLY A 210 -2.90 -4.64 14.83
N LYS A 211 -1.82 -4.17 14.20
CA LYS A 211 -1.08 -3.01 14.69
C LYS A 211 -0.43 -2.34 13.49
N ASN A 212 -0.10 -1.06 13.65
CA ASN A 212 0.47 -0.27 12.57
C ASN A 212 1.43 0.75 13.17
N SER A 213 2.41 1.16 12.36
CA SER A 213 3.54 1.93 12.86
C SER A 213 3.29 3.44 12.91
N TRP A 214 2.27 3.93 12.21
CA TRP A 214 2.01 5.36 11.99
C TRP A 214 3.16 6.03 11.24
N GLN A 215 3.99 5.25 10.56
CA GLN A 215 5.09 5.75 9.76
C GLN A 215 5.02 5.06 8.41
N ILE A 216 5.67 5.67 7.42
CA ILE A 216 5.77 5.11 6.08
C ILE A 216 7.22 4.73 5.85
N GLY A 217 7.46 3.46 5.57
CA GLY A 217 8.76 2.97 5.19
C GLY A 217 9.82 2.72 6.24
N PRO A 218 9.54 2.76 7.55
CA PRO A 218 10.63 2.46 8.49
C PRO A 218 11.23 1.09 8.23
N GLU A 219 10.42 0.14 7.79
CA GLU A 219 10.86 -1.24 7.60
C GLU A 219 11.81 -1.38 6.42
N ILE A 220 11.90 -0.38 5.54
CA ILE A 220 12.79 -0.47 4.40
C ILE A 220 13.90 0.58 4.40
N MET A 221 13.97 1.44 5.42
CA MET A 221 15.08 2.38 5.48
C MET A 221 16.28 1.68 6.13
N LYS A 222 17.46 1.78 5.49
CA LYS A 222 18.65 1.14 6.05
C LYS A 222 19.03 1.82 7.36
N GLU A 223 19.57 1.03 8.30
CA GLU A 223 19.89 1.54 9.62
C GLU A 223 21.00 2.59 9.61
N ASP A 224 21.80 2.68 8.54
CA ASP A 224 22.82 3.72 8.45
C ASP A 224 22.43 4.86 7.50
N SER A 225 21.17 4.95 7.12
CA SER A 225 20.76 6.02 6.20
C SER A 225 20.65 7.37 6.88
N GLY A 226 20.41 7.39 8.18
CA GLY A 226 20.11 8.61 8.88
C GLY A 226 18.65 8.99 8.88
N TYR A 227 17.77 8.16 8.31
CA TYR A 227 16.34 8.38 8.29
C TYR A 227 15.67 7.20 8.97
N ASP A 228 14.86 7.46 9.99
CA ASP A 228 14.12 6.36 10.59
C ASP A 228 12.94 5.91 9.73
N ALA A 229 12.41 6.79 8.89
CA ALA A 229 11.23 6.51 8.08
C ALA A 229 11.19 7.51 6.93
N LEU A 230 10.37 7.18 5.92
CA LEU A 230 10.08 8.15 4.85
C LEU A 230 9.19 9.27 5.37
N ARG A 231 8.11 8.93 6.07
CA ARG A 231 7.15 9.92 6.55
C ARG A 231 6.62 9.46 7.91
N TYR A 232 6.14 10.43 8.68
CA TYR A 232 5.53 10.24 9.99
C TYR A 232 4.11 10.79 9.94
N MET A 233 3.14 10.00 10.35
CA MET A 233 1.76 10.45 10.28
C MET A 233 1.29 11.14 11.55
N ASP A 234 1.95 10.90 12.69
CA ASP A 234 1.53 11.56 13.92
C ASP A 234 1.94 13.02 13.92
N LYS A 235 3.10 13.33 13.34
CA LYS A 235 3.62 14.69 13.25
C LYS A 235 4.42 14.78 11.97
N PRO A 236 3.74 15.00 10.85
CA PRO A 236 4.45 14.98 9.55
C PRO A 236 5.67 15.87 9.49
N SER A 237 5.65 17.02 10.17
CA SER A 237 6.76 17.97 10.13
C SER A 237 8.04 17.42 10.73
N ARG A 238 7.99 16.26 11.39
CA ARG A 238 9.21 15.63 11.87
C ARG A 238 10.22 15.38 10.74
N ASP A 239 9.76 15.25 9.48
CA ASP A 239 10.68 14.98 8.38
C ASP A 239 11.32 16.24 7.81
N GLY A 240 11.00 17.41 8.36
CA GLY A 240 11.65 18.65 7.96
C GLY A 240 11.01 19.39 6.81
N MET A 241 9.98 18.84 6.18
CA MET A 241 9.34 19.50 5.06
CA MET A 241 9.35 19.44 5.02
C MET A 241 7.84 19.33 4.98
N SER A 242 7.29 18.22 5.47
CA SER A 242 5.86 18.00 5.43
C SER A 242 5.17 18.94 6.41
N ILE A 243 3.88 19.19 6.17
CA ILE A 243 3.10 20.15 6.95
C ILE A 243 2.06 19.41 7.79
N ASP A 244 1.72 20.02 8.93
CA ASP A 244 0.86 19.41 9.92
C ASP A 244 -0.58 19.93 9.87
N VAL A 245 -0.81 21.10 9.28
CA VAL A 245 -2.14 21.70 9.20
C VAL A 245 -2.30 22.32 7.82
N ALA A 246 -3.55 22.48 7.41
CA ALA A 246 -3.85 22.98 6.07
C ALA A 246 -3.38 24.41 5.89
N ASP A 247 -3.37 25.21 6.96
CA ASP A 247 -2.98 26.60 6.84
C ASP A 247 -1.50 26.78 6.48
N ASP A 248 -0.70 25.73 6.56
CA ASP A 248 0.71 25.81 6.21
C ASP A 248 0.97 25.41 4.76
N TYR A 249 -0.09 25.16 3.98
CA TYR A 249 0.04 24.80 2.58
C TYR A 249 0.48 26.00 1.74
N TYR A 250 1.34 25.74 0.74
CA TYR A 250 1.72 26.75 -0.25
C TYR A 250 1.77 26.03 -1.60
N GLY A 251 1.62 26.82 -2.67
CA GLY A 251 1.40 26.26 -4.00
C GLY A 251 2.56 25.46 -4.56
N GLY A 252 3.78 25.68 -4.05
CA GLY A 252 4.95 24.95 -4.50
C GLY A 252 5.28 23.71 -3.70
N LEU A 253 4.42 23.33 -2.78
CA LEU A 253 4.69 22.19 -1.93
C LEU A 253 4.31 20.90 -2.66
N ASP A 254 5.26 19.99 -2.77
CA ASP A 254 5.02 18.73 -3.46
C ASP A 254 3.98 17.89 -2.70
N VAL A 255 3.30 17.01 -3.45
CA VAL A 255 2.25 16.18 -2.87
C VAL A 255 2.77 15.28 -1.75
N HIS A 256 4.05 14.94 -1.75
CA HIS A 256 4.64 14.08 -0.72
C HIS A 256 4.90 14.82 0.58
N TYR A 257 4.70 16.13 0.60
CA TYR A 257 4.82 16.97 1.78
C TYR A 257 3.48 17.55 2.20
N SER A 258 2.65 17.94 1.24
CA SER A 258 1.28 18.37 1.58
C SER A 258 0.41 17.20 2.00
N SER A 259 0.87 15.98 1.77
CA SER A 259 0.20 14.80 2.31
C SER A 259 0.16 14.81 3.82
N GLY A 260 1.00 15.62 4.47
CA GLY A 260 0.94 15.70 5.91
C GLY A 260 -0.41 16.11 6.45
N VAL A 261 -1.17 16.92 5.69
CA VAL A 261 -2.44 17.42 6.21
C VAL A 261 -3.40 16.25 6.49
N TYR A 262 -3.70 15.46 5.46
CA TYR A 262 -4.64 14.36 5.63
C TYR A 262 -4.02 13.19 6.36
N ASN A 263 -2.67 13.07 6.34
CA ASN A 263 -2.04 12.02 7.14
C ASN A 263 -2.25 12.31 8.63
N HIS A 264 -2.01 13.57 9.02
CA HIS A 264 -2.20 13.99 10.40
C HIS A 264 -3.68 13.88 10.79
N LEU A 265 -4.56 14.27 9.87
CA LEU A 265 -6.00 14.15 10.11
C LEU A 265 -6.41 12.71 10.37
N PHE A 266 -5.88 11.78 9.57
CA PHE A 266 -6.22 10.37 9.73
C PHE A 266 -5.75 9.87 11.09
N TYR A 267 -4.53 10.23 11.48
CA TYR A 267 -4.01 9.88 12.80
C TYR A 267 -4.89 10.46 13.90
N ILE A 268 -5.26 11.73 13.77
CA ILE A 268 -6.09 12.36 14.80
C ILE A 268 -7.43 11.66 14.91
N LEU A 269 -8.07 11.39 13.78
CA LEU A 269 -9.41 10.80 13.81
C LEU A 269 -9.38 9.40 14.41
N ALA A 270 -8.41 8.58 13.98
CA ALA A 270 -8.29 7.22 14.50
C ALA A 270 -8.06 7.17 16.00
N ASN A 271 -7.57 8.25 16.59
CA ASN A 271 -7.26 8.33 18.01
C ASN A 271 -8.29 9.12 18.81
N GLN A 272 -9.42 9.48 18.22
CA GLN A 272 -10.50 10.04 19.02
C GLN A 272 -11.07 8.93 19.90
N PRO A 273 -11.71 9.27 21.04
CA PRO A 273 -12.25 8.25 21.97
C PRO A 273 -13.20 7.32 21.23
N ASN A 274 -13.05 6.01 21.39
CA ASN A 274 -13.98 5.02 20.78
C ASN A 274 -13.62 4.72 19.31
N TRP A 275 -12.73 5.51 18.72
CA TRP A 275 -12.37 5.34 17.29
C TRP A 275 -11.15 4.45 17.17
N ASN A 276 -10.97 3.80 16.01
CA ASN A 276 -9.76 3.05 15.73
C ASN A 276 -9.40 3.30 14.26
N LEU A 277 -8.30 2.67 13.85
CA LEU A 277 -7.82 2.83 12.48
C LEU A 277 -8.88 2.40 11.48
N ARG A 278 -9.52 1.25 11.72
CA ARG A 278 -10.48 0.73 10.76
C ARG A 278 -11.64 1.70 10.56
N MET A 279 -12.15 2.26 11.65
CA MET A 279 -13.27 3.20 11.53
CA MET A 279 -13.26 3.21 11.53
C MET A 279 -12.85 4.45 10.76
N ALA A 280 -11.66 4.98 11.04
CA ALA A 280 -11.17 6.14 10.31
C ALA A 280 -11.02 5.81 8.84
N PHE A 281 -10.43 4.66 8.53
CA PHE A 281 -10.25 4.29 7.13
C PHE A 281 -11.59 4.06 6.44
N ASP A 282 -12.60 3.54 7.17
CA ASP A 282 -13.93 3.39 6.57
C ASP A 282 -14.44 4.72 6.00
N VAL A 283 -14.30 5.79 6.78
CA VAL A 283 -14.76 7.10 6.35
C VAL A 283 -14.00 7.55 5.10
N MET A 284 -12.67 7.41 5.13
CA MET A 284 -11.83 7.77 3.98
C MET A 284 -12.16 6.97 2.74
N VAL A 285 -12.34 5.66 2.87
CA VAL A 285 -12.62 4.83 1.70
C VAL A 285 -13.96 5.23 1.09
N LYS A 286 -14.98 5.41 1.94
CA LYS A 286 -16.30 5.77 1.44
C LYS A 286 -16.29 7.16 0.80
N ALA A 287 -15.53 8.11 1.38
CA ALA A 287 -15.38 9.41 0.75
C ALA A 287 -14.70 9.29 -0.62
N ASN A 288 -13.64 8.49 -0.70
CA ASN A 288 -12.96 8.28 -1.97
C ASN A 288 -13.93 7.69 -2.99
N MET A 289 -14.78 6.75 -2.56
CA MET A 289 -15.66 6.04 -3.48
CA MET A 289 -15.66 6.04 -3.49
C MET A 289 -16.81 6.91 -3.95
N ASP A 290 -17.37 7.73 -3.05
CA ASP A 290 -18.68 8.33 -3.25
C ASP A 290 -18.75 9.86 -3.29
N TYR A 291 -17.72 10.57 -2.82
CA TYR A 291 -17.85 12.02 -2.66
C TYR A 291 -16.68 12.84 -3.19
N TRP A 292 -15.44 12.42 -2.96
CA TRP A 292 -14.31 13.22 -3.37
C TRP A 292 -14.27 13.38 -4.88
N THR A 293 -13.92 14.59 -5.33
CA THR A 293 -13.87 14.94 -6.74
C THR A 293 -12.42 15.11 -7.19
N PRO A 294 -12.17 15.04 -8.50
CA PRO A 294 -10.76 15.01 -8.95
C PRO A 294 -9.95 16.24 -8.57
N TYR A 295 -10.56 17.42 -8.49
CA TYR A 295 -9.85 18.65 -8.12
C TYR A 295 -10.19 19.11 -6.69
N SER A 296 -10.52 18.16 -5.82
CA SER A 296 -10.91 18.49 -4.45
C SER A 296 -9.88 19.40 -3.78
N THR A 297 -10.38 20.40 -3.06
CA THR A 297 -9.56 21.10 -2.09
C THR A 297 -9.56 20.30 -0.78
N PHE A 298 -8.68 20.68 0.15
CA PHE A 298 -8.72 20.07 1.48
C PHE A 298 -10.08 20.27 2.15
N ASP A 299 -10.63 21.50 2.06
CA ASP A 299 -11.92 21.78 2.67
C ASP A 299 -13.04 20.95 2.04
N GLU A 300 -13.07 20.87 0.71
CA GLU A 300 -14.08 20.04 0.06
C GLU A 300 -13.93 18.57 0.46
N GLY A 301 -12.70 18.11 0.66
CA GLY A 301 -12.52 16.74 1.09
C GLY A 301 -13.11 16.48 2.46
N GLY A 302 -13.10 17.49 3.32
CA GLY A 302 -13.74 17.36 4.62
C GLY A 302 -15.25 17.19 4.51
N CYS A 303 -15.87 17.94 3.59
CA CYS A 303 -17.29 17.74 3.34
C CYS A 303 -17.57 16.30 2.92
N GLY A 304 -16.72 15.74 2.04
CA GLY A 304 -16.90 14.36 1.63
C GLY A 304 -16.77 13.38 2.78
N MET A 305 -15.85 13.65 3.70
CA MET A 305 -15.68 12.81 4.89
C MET A 305 -16.95 12.86 5.75
N LEU A 306 -17.49 14.07 5.91
CA LEU A 306 -18.70 14.23 6.71
C LEU A 306 -19.88 13.51 6.07
N SER A 307 -20.04 13.62 4.75
CA SER A 307 -21.11 12.90 4.08
C SER A 307 -20.93 11.39 4.21
N ALA A 308 -19.70 10.92 4.03
CA ALA A 308 -19.42 9.50 4.17
C ALA A 308 -19.75 9.01 5.58
N ALA A 309 -19.32 9.78 6.59
CA ALA A 309 -19.59 9.38 7.97
C ALA A 309 -21.09 9.35 8.24
N LYS A 310 -21.82 10.30 7.69
CA LYS A 310 -23.27 10.30 7.85
C LYS A 310 -23.88 9.04 7.25
N ASP A 311 -23.38 8.63 6.07
CA ASP A 311 -23.90 7.41 5.45
C ASP A 311 -23.64 6.19 6.32
N LEU A 312 -22.50 6.17 7.01
CA LEU A 312 -22.07 5.04 7.83
C LEU A 312 -22.64 5.07 9.23
N GLY A 313 -23.21 6.19 9.67
CA GLY A 313 -23.68 6.34 11.02
C GLY A 313 -22.64 6.72 12.05
N TYR A 314 -21.46 7.13 11.61
CA TYR A 314 -20.36 7.45 12.50
C TYR A 314 -20.54 8.86 13.08
N ASN A 315 -19.93 9.09 14.24
CA ASN A 315 -20.06 10.38 14.93
C ASN A 315 -19.45 11.51 14.13
N LEU A 316 -20.27 12.51 13.82
CA LEU A 316 -19.79 13.64 13.02
C LEU A 316 -19.02 14.63 13.86
N ASP A 317 -19.33 14.76 15.16
CA ASP A 317 -18.62 15.73 15.97
C ASP A 317 -17.16 15.33 16.14
N ASP A 318 -16.88 14.04 16.20
CA ASP A 318 -15.51 13.60 16.35
C ASP A 318 -14.72 13.93 15.08
N ILE A 319 -15.37 13.87 13.93
CA ILE A 319 -14.73 14.21 12.67
C ILE A 319 -14.51 15.71 12.59
N LYS A 320 -15.54 16.50 12.94
CA LYS A 320 -15.42 17.95 12.91
C LYS A 320 -14.30 18.41 13.83
N LYS A 321 -14.19 17.82 15.02
CA LYS A 321 -13.11 18.22 15.93
C LYS A 321 -11.76 17.92 15.29
N SER A 322 -11.64 16.76 14.62
CA SER A 322 -10.39 16.39 13.97
C SER A 322 -10.08 17.33 12.80
N LEU A 323 -11.09 17.64 11.99
CA LEU A 323 -10.90 18.58 10.89
C LEU A 323 -10.41 19.93 11.39
N SER A 324 -11.00 20.43 12.49
CA SER A 324 -10.59 21.73 13.00
CA SER A 324 -10.59 21.72 13.03
C SER A 324 -9.14 21.70 13.48
N GLU A 325 -8.69 20.56 14.02
CA GLU A 325 -7.32 20.44 14.50
C GLU A 325 -6.29 20.49 13.39
N VAL A 326 -6.67 20.19 12.15
CA VAL A 326 -5.78 20.40 11.02
C VAL A 326 -6.18 21.65 10.21
N THR A 327 -6.98 22.55 10.81
CA THR A 327 -7.40 23.83 10.22
C THR A 327 -8.11 23.70 8.87
N ILE A 328 -8.93 22.67 8.75
CA ILE A 328 -9.83 22.53 7.59
C ILE A 328 -11.16 23.19 7.94
N ASN A 329 -11.68 23.98 7.01
CA ASN A 329 -12.91 24.75 7.19
C ASN A 329 -14.07 23.87 6.74
N TYR A 330 -14.78 23.27 7.69
CA TYR A 330 -15.95 22.46 7.35
C TYR A 330 -17.26 23.23 7.45
N GLN A 331 -17.23 24.45 7.98
CA GLN A 331 -18.42 25.28 7.99
C GLN A 331 -18.88 25.57 6.57
N SER A 332 -17.93 25.68 5.64
CA SER A 332 -18.24 25.87 4.22
C SER A 332 -19.16 24.78 3.68
N CYS A 333 -19.06 23.56 4.21
CA CYS A 333 -19.86 22.46 3.69
C CYS A 333 -21.35 22.69 3.85
N TYR A 334 -21.74 23.46 4.85
CA TYR A 334 -23.12 23.71 5.17
C TYR A 334 -23.62 24.99 4.54
N VAL A 335 -22.91 25.47 3.50
CA VAL A 335 -23.23 26.68 2.75
C VAL A 335 -23.63 27.79 3.71
C1 A1IRL B . 9.34 13.19 -2.22
C2 A1IRL B . 9.44 14.51 -2.61
C3 A1IRL B . 9.31 14.85 -3.94
C4 A1IRL B . 9.07 13.87 -4.89
C5 A1IRL B . 8.97 12.55 -4.50
C6 A1IRL B . 9.11 12.21 -3.16
C10 A1IRL B . 11.61 9.03 -1.36
C11 A1IRL B . 10.96 6.66 -1.80
C12 A1IRL B . 7.11 7.62 -2.27
C13 A1IRL B . 6.36 6.66 -3.19
C14 A1IRL B . 5.61 5.76 -2.20
C15 A1IRL B . 6.46 5.10 -1.12
C16 A1IRL B . 7.48 4.16 -1.72
C17 A1IRL B . 5.52 4.35 -0.15
C7 A1IRL B . 9.11 9.97 -1.99
C8 A1IRL B . 9.37 8.55 -2.49
C9 A1IRL B . 10.84 8.11 -2.30
N1 A1IRL B . 9.01 10.81 -3.02
N2 A1IRL B . 8.43 7.47 -2.26
O1 A1IRL B . 9.15 10.27 -0.79
O2 A1IRL B . 6.21 8.01 -5.47
O3 A1IRL B . 4.64 6.03 -5.21
O4 A1IRL B . 4.26 8.19 -3.93
O5 A1IRL B . 6.51 8.40 -1.52
P1 A1IRL B . 5.28 7.25 -4.51
CL1 A1IRL B . 9.49 16.52 -4.41
CL2 A1IRL B . 8.82 14.28 -6.55
H1 A1IRL B . 9.43 12.93 -1.16
H2 A1IRL B . 9.63 15.30 -1.88
H3 A1IRL B . 8.79 11.80 -5.26
H10 A1IRL B . 11.70 10.04 -1.75
H9 A1IRL B . 12.63 8.69 -1.20
H8 A1IRL B . 11.17 9.13 -0.37
H12 A1IRL B . 10.62 5.94 -2.54
H13 A1IRL B . 10.39 6.47 -0.89
H11 A1IRL B . 11.99 6.39 -1.60
H14 A1IRL B . 7.12 6.06 -3.69
H16 A1IRL B . 5.08 5.00 -2.76
H15 A1IRL B . 4.83 6.36 -1.73
H17 A1IRL B . 7.00 5.83 -0.54
H18 A1IRL B . 7.01 3.37 -2.32
H20 A1IRL B . 8.06 3.65 -0.95
H19 A1IRL B . 8.19 4.66 -2.37
H22 A1IRL B . 4.96 3.57 -0.64
H21 A1IRL B . 4.82 5.02 0.35
H23 A1IRL B . 6.08 3.85 0.65
H5 A1IRL B . 9.38 8.64 -3.57
H7 A1IRL B . 11.33 8.14 -3.27
H4 A1IRL B . 8.81 10.38 -3.91
H6 A1IRL B . 8.82 6.56 -2.13
H24 A1IRL B . 5.93 8.21 -6.40
H25 A1IRL B . 3.91 6.16 -5.88
O6 BU3 C . -6.78 20.56 -5.40
C3 BU3 C . -6.71 21.29 -6.63
C4 BU3 C . -5.93 20.53 -7.66
C2 BU3 C . -6.20 22.68 -6.24
O5 BU3 C . -4.94 22.63 -5.62
C1 BU3 C . -7.21 23.41 -5.36
HO6 BU3 C . -7.38 19.97 -5.49
H3 BU3 C . -7.62 21.39 -6.94
H41 BU3 C . -6.39 19.73 -7.92
H42 BU3 C . -5.06 20.28 -7.31
H43 BU3 C . -5.78 21.08 -8.46
H2 BU3 C . -6.07 23.18 -7.06
HO5 BU3 C . -4.52 23.35 -5.79
H11 BU3 C . -7.03 24.37 -5.37
H12 BU3 C . -7.15 23.11 -4.44
H13 BU3 C . -8.12 23.26 -5.67
O6 BU3 D . 17.59 -10.73 5.39
C3 BU3 D . 18.01 -12.07 5.22
C4 BU3 D . 18.81 -12.52 6.45
C2 BU3 D . 18.76 -12.34 3.91
O5 BU3 D . 19.76 -13.35 4.08
C1 BU3 D . 19.33 -11.11 3.25
HO6 BU3 D . 16.75 -10.73 5.57
H3 BU3 D . 17.20 -12.59 5.19
H41 BU3 D . 18.37 -12.23 7.27
H42 BU3 D . 19.69 -12.15 6.44
H43 BU3 D . 18.89 -13.49 6.48
H2 BU3 D . 18.11 -12.73 3.30
HO5 BU3 D . 20.21 -13.38 3.37
H11 BU3 D . 19.61 -10.45 3.91
H12 BU3 D . 18.67 -10.69 2.68
H13 BU3 D . 20.10 -11.33 2.70
C1 GOL E . -16.16 16.68 19.75
O1 GOL E . -15.09 15.87 19.38
C2 GOL E . -17.17 15.80 20.53
O2 GOL E . -17.31 14.54 19.97
C3 GOL E . -16.62 15.76 21.98
O3 GOL E . -17.67 15.26 22.78
H11 GOL E . -16.60 17.09 19.00
H12 GOL E . -15.86 17.42 20.31
H2 GOL E . -18.05 16.21 20.50
HO2 GOL E . -16.54 14.23 19.83
H31 GOL E . -16.32 16.64 22.24
H32 GOL E . -15.84 15.19 22.01
HO3 GOL E . -18.16 15.93 22.99
O6 BU3 F . 20.54 -4.37 -17.71
C3 BU3 F . 21.70 -4.95 -17.16
C4 BU3 F . 22.64 -5.46 -18.23
C2 BU3 F . 21.36 -6.04 -16.12
O5 BU3 F . 20.84 -7.19 -16.77
C1 BU3 F . 20.43 -5.58 -15.03
HO6 BU3 F . 20.72 -3.56 -17.92
H3 BU3 F . 22.14 -4.23 -16.67
H41 BU3 F . 23.01 -4.73 -18.74
H42 BU3 F . 22.17 -6.05 -18.85
H43 BU3 F . 23.37 -5.96 -17.84
H2 BU3 F . 22.19 -6.32 -15.72
HO5 BU3 F . 21.01 -7.87 -16.28
H11 BU3 F . 19.55 -6.01 -15.11
H12 BU3 F . 20.28 -4.61 -15.08
H13 BU3 F . 20.78 -5.78 -14.15
C1 GOL G . -19.01 6.65 16.48
O1 GOL G . -18.26 6.95 15.33
C2 GOL G . -18.13 5.87 17.49
O2 GOL G . -16.79 5.85 17.22
C3 GOL G . -18.41 6.57 18.84
O3 GOL G . -17.70 7.81 18.86
H11 GOL G . -19.79 6.14 16.29
H12 GOL G . -19.33 7.45 16.90
HO1 GOL G . -17.44 6.95 15.55
H2 GOL G . -18.41 4.94 17.52
H31 GOL G . -18.16 5.98 19.57
H32 GOL G . -19.35 6.70 18.94
HO3 GOL G . -16.98 7.69 18.42
O6 BU3 H . 5.68 -6.32 5.07
C3 BU3 H . 5.67 -7.73 4.91
C4 BU3 H . 5.39 -8.16 3.48
C2 BU3 H . 4.69 -8.37 5.91
O5 BU3 H . 4.55 -7.63 7.12
C1 BU3 H . 5.02 -9.83 6.21
HO6 BU3 H . 6.50 -6.05 5.03
H3 BU3 H . 6.56 -8.02 5.16
H41 BU3 H . 6.01 -7.75 2.87
H42 BU3 H . 4.50 -7.91 3.21
H43 BU3 H . 5.48 -9.12 3.38
H2 BU3 H . 3.82 -8.36 5.50
HO5 BU3 H . 3.73 -7.53 7.27
H11 BU3 H . 5.45 -9.91 7.08
H12 BU3 H . 5.64 -10.20 5.54
H13 BU3 H . 4.22 -10.38 6.21
O6 BU3 I . -21.55 23.65 10.73
C3 BU3 I . -22.26 22.96 11.73
C4 BU3 I . -21.38 21.81 12.25
C2 BU3 I . -23.63 22.40 11.34
O5 BU3 I . -24.53 23.47 11.08
C1 BU3 I . -24.19 21.47 12.39
HO6 BU3 I . -21.28 24.39 11.06
H3 BU3 I . -22.40 23.59 12.45
H41 BU3 I . -21.43 21.08 11.64
H42 BU3 I . -21.67 21.50 13.13
H43 BU3 I . -20.47 22.09 12.32
H2 BU3 I . -23.53 21.92 10.50
HO5 BU3 I . -24.91 23.32 10.34
H11 BU3 I . -25.16 21.41 12.32
H12 BU3 I . -23.84 20.57 12.27
H13 BU3 I . -23.97 21.76 13.29
C1 GOL J . -11.44 -13.03 1.68
O1 GOL J . -10.44 -12.38 2.41
C2 GOL J . -12.29 -13.82 2.68
O2 GOL J . -13.13 -14.70 2.03
C3 GOL J . -11.28 -14.50 3.61
O3 GOL J . -11.20 -13.68 4.76
H11 GOL J . -11.10 -13.64 1.01
H12 GOL J . -12.00 -12.40 1.20
H2 GOL J . -12.87 -13.22 3.19
H31 GOL J . -10.44 -14.63 3.16
H32 GOL J . -11.58 -15.39 3.83
HO3 GOL J . -11.00 -12.90 4.48
ZN ZN K . 2.42 7.82 -3.54
S SO4 L . 9.10 15.46 17.93
O1 SO4 L . 9.75 14.22 18.23
O2 SO4 L . 7.74 15.42 18.39
O3 SO4 L . 9.80 16.54 18.57
O4 SO4 L . 9.11 15.67 16.50
S SO4 M . 5.13 -2.06 -19.40
O1 SO4 M . 5.06 -0.68 -18.92
O2 SO4 M . 6.31 -2.72 -18.86
O3 SO4 M . 3.92 -2.78 -18.99
O4 SO4 M . 5.18 -2.04 -20.86
#